data_7MX1
#
_entry.id   7MX1
#
_cell.length_a   57.713
_cell.length_b   64.958
_cell.length_c   71.674
_cell.angle_alpha   90.000
_cell.angle_beta   101.620
_cell.angle_gamma   90.000
#
_symmetry.space_group_name_H-M   'P 1 21 1'
#
loop_
_entity.id
_entity.type
_entity.pdbx_description
1 polymer 'Serine/threonine-protein kinase PLK1'
2 polymer ACE-PRO-LEU-ALA-SER-TPO
3 non-polymer N-[(4S)-4,5-diamino-5-oxopentyl]-10-phenyldecanamide
4 water water
#
loop_
_entity_poly.entity_id
_entity_poly.type
_entity_poly.pdbx_seq_one_letter_code
_entity_poly.pdbx_strand_id
1 'polypeptide(L)'
;GAHMDCHLSDMLQQLHSVNASKPSERGLVRQEEAEDPACIPIFWVSKWVDYSDKYGLGYQLCDNSVGVLFNDSTRLILYN
DGDSLQYIERDGTESYLTVSSHPNSLMKKITLLKYFRNYMSEHLLKAGANITPREGDELARLPYLRTWFRTRSAIILHLS
NGSVQINFFQDHTKLILCPLMAAVTYIDEKRDFRTYRLSLLEEYGCCKELASRLRYARTMVDKLLSSRSASNRLKAS
;
A,B
2 'polypeptide(L)' (ACE)PLAS(TPO) C,E
#
# COMPACT_ATOMS: atom_id res chain seq x y z
N CYS A 6 13.33 3.95 7.84
CA CYS A 6 11.88 3.91 7.67
C CYS A 6 11.40 5.20 7.00
N HIS A 7 10.13 5.57 7.19
CA HIS A 7 9.59 6.73 6.51
C HIS A 7 10.25 8.04 6.96
N LEU A 8 10.48 8.21 8.27
CA LEU A 8 11.03 9.50 8.71
C LEU A 8 12.46 9.68 8.22
N SER A 9 13.27 8.61 8.26
CA SER A 9 14.64 8.71 7.77
C SER A 9 14.66 9.07 6.29
N ASP A 10 13.79 8.44 5.49
CA ASP A 10 13.68 8.79 4.08
C ASP A 10 13.24 10.24 3.90
N MET A 11 12.26 10.69 4.68
CA MET A 11 11.81 12.07 4.54
C MET A 11 12.94 13.04 4.86
N LEU A 12 13.75 12.72 5.87
CA LEU A 12 14.86 13.59 6.25
C LEU A 12 15.87 13.70 5.11
N GLN A 13 16.22 12.57 4.51
CA GLN A 13 17.12 12.57 3.36
C GLN A 13 16.55 13.38 2.21
N GLN A 14 15.26 13.21 1.91
CA GLN A 14 14.65 13.95 0.82
C GLN A 14 14.68 15.46 1.07
N LEU A 15 14.39 15.88 2.30
CA LEU A 15 14.37 17.30 2.61
C LEU A 15 15.79 17.86 2.62
N HIS A 16 16.74 17.13 3.21
CA HIS A 16 18.11 17.62 3.20
C HIS A 16 18.62 17.80 1.79
N SER A 17 18.30 16.86 0.89
CA SER A 17 18.79 16.96 -0.48
C SER A 17 18.28 18.24 -1.13
N VAL A 18 16.98 18.53 -1.00
CA VAL A 18 16.47 19.76 -1.60
C VAL A 18 17.05 20.98 -0.91
N ASN A 19 17.10 20.98 0.43
CA ASN A 19 17.58 22.15 1.15
C ASN A 19 19.05 22.43 0.83
N ALA A 20 19.87 21.39 0.74
CA ALA A 20 21.28 21.56 0.44
C ALA A 20 21.48 22.23 -0.92
N SER A 21 20.56 22.00 -1.86
CA SER A 21 20.66 22.58 -3.19
C SER A 21 20.31 24.06 -3.23
N LYS A 22 19.92 24.68 -2.12
CA LYS A 22 19.62 26.11 -2.06
C LYS A 22 18.66 26.50 -3.17
N PRO A 23 17.43 25.98 -3.14
CA PRO A 23 16.50 26.15 -4.28
C PRO A 23 16.09 27.58 -4.57
N SER A 24 16.07 28.47 -3.58
CA SER A 24 15.69 29.85 -3.84
C SER A 24 16.81 30.67 -4.48
N GLU A 25 18.06 30.18 -4.44
CA GLU A 25 19.21 30.95 -4.90
C GLU A 25 19.60 30.63 -6.34
N ARG A 26 18.64 30.24 -7.18
CA ARG A 26 18.94 29.92 -8.58
C ARG A 26 18.92 31.18 -9.45
N GLY A 27 19.67 31.12 -10.56
CA GLY A 27 19.67 32.23 -11.50
C GLY A 27 18.30 32.50 -12.06
N LEU A 28 17.56 31.45 -12.41
CA LEU A 28 16.15 31.58 -12.81
C LEU A 28 15.38 30.45 -12.15
N VAL A 29 14.63 30.78 -11.09
CA VAL A 29 13.75 29.82 -10.44
C VAL A 29 12.62 29.47 -11.39
N ARG A 30 12.35 28.17 -11.54
CA ARG A 30 11.26 27.67 -12.38
C ARG A 30 10.39 26.75 -11.52
N GLN A 31 9.78 27.32 -10.48
CA GLN A 31 9.07 26.52 -9.49
C GLN A 31 7.93 25.74 -10.11
N GLU A 32 7.26 26.31 -11.11
CA GLU A 32 6.11 25.64 -11.70
C GLU A 32 6.50 24.34 -12.39
N GLU A 33 7.74 24.22 -12.85
CA GLU A 33 8.19 22.99 -13.50
C GLU A 33 8.29 21.82 -12.53
N ALA A 34 8.27 22.05 -11.23
CA ALA A 34 8.36 20.99 -10.24
C ALA A 34 7.00 20.46 -9.80
N GLU A 35 5.91 21.05 -10.29
CA GLU A 35 4.58 20.58 -9.92
C GLU A 35 4.31 19.20 -10.49
N ASP A 36 3.67 18.35 -9.70
CA ASP A 36 3.26 17.02 -10.15
C ASP A 36 1.95 16.62 -9.49
N PRO A 37 0.82 16.88 -10.16
CA PRO A 37 -0.48 16.53 -9.56
C PRO A 37 -0.67 15.04 -9.30
N ALA A 38 0.11 14.18 -9.95
CA ALA A 38 0.02 12.76 -9.69
C ALA A 38 0.41 12.41 -8.26
N CYS A 39 1.14 13.30 -7.58
CA CYS A 39 1.60 13.05 -6.22
C CYS A 39 0.70 13.66 -5.15
N ILE A 40 -0.46 14.20 -5.53
CA ILE A 40 -1.36 14.79 -4.53
C ILE A 40 -1.69 13.74 -3.47
N PRO A 41 -1.69 14.09 -2.19
CA PRO A 41 -1.93 13.07 -1.16
C PRO A 41 -3.35 12.51 -1.19
N ILE A 42 -3.49 11.33 -0.58
CA ILE A 42 -4.81 10.74 -0.35
C ILE A 42 -5.40 11.21 0.97
N PHE A 43 -4.55 11.35 1.99
CA PHE A 43 -5.02 11.70 3.33
C PHE A 43 -4.24 12.88 3.88
N TRP A 44 -4.95 13.77 4.57
CA TRP A 44 -4.34 14.79 5.40
C TRP A 44 -5.33 15.14 6.50
N VAL A 45 -4.85 15.89 7.49
CA VAL A 45 -5.67 16.30 8.62
C VAL A 45 -6.43 17.56 8.25
N SER A 46 -7.76 17.49 8.28
CA SER A 46 -8.57 18.64 7.91
C SER A 46 -8.90 19.55 9.08
N LYS A 47 -8.97 19.01 10.30
CA LYS A 47 -9.24 19.81 11.49
C LYS A 47 -8.77 19.03 12.70
N TRP A 48 -8.55 19.73 13.81
CA TRP A 48 -8.08 19.08 15.03
C TRP A 48 -8.48 19.89 16.26
N VAL A 49 -8.48 19.21 17.40
CA VAL A 49 -8.76 19.81 18.71
C VAL A 49 -7.74 19.24 19.70
N ASP A 50 -6.95 20.11 20.32
CA ASP A 50 -5.96 19.72 21.32
C ASP A 50 -6.59 19.86 22.71
N TYR A 51 -7.12 18.74 23.21
CA TYR A 51 -7.61 18.63 24.58
C TYR A 51 -6.66 17.76 25.41
N SER A 52 -5.36 17.90 25.18
CA SER A 52 -4.38 16.99 25.77
C SER A 52 -4.19 17.22 27.27
N ASP A 53 -4.72 18.29 27.83
CA ASP A 53 -4.66 18.44 29.29
C ASP A 53 -5.53 17.40 29.98
N LYS A 54 -6.57 16.90 29.32
CA LYS A 54 -7.48 15.95 29.94
C LYS A 54 -7.59 14.62 29.19
N TYR A 55 -7.77 14.64 27.87
CA TYR A 55 -8.09 13.42 27.13
C TYR A 55 -7.13 13.09 26.01
N GLY A 56 -6.73 14.05 25.20
CA GLY A 56 -5.85 13.77 24.07
C GLY A 56 -6.13 14.72 22.92
N LEU A 57 -5.73 14.29 21.73
CA LEU A 57 -5.87 15.10 20.54
C LEU A 57 -6.86 14.44 19.58
N GLY A 58 -7.97 15.13 19.31
CA GLY A 58 -8.94 14.67 18.34
C GLY A 58 -8.69 15.34 17.00
N TYR A 59 -9.00 14.60 15.93
CA TYR A 59 -8.71 15.11 14.61
C TYR A 59 -9.64 14.47 13.60
N GLN A 60 -9.77 15.13 12.45
CA GLN A 60 -10.55 14.63 11.33
C GLN A 60 -9.65 14.60 10.11
N LEU A 61 -9.71 13.50 9.36
CA LEU A 61 -9.00 13.41 8.09
C LEU A 61 -9.91 13.90 6.97
N CYS A 62 -9.30 14.15 5.80
CA CYS A 62 -10.02 14.76 4.69
C CYS A 62 -11.16 13.88 4.16
N ASP A 63 -11.20 12.61 4.53
CA ASP A 63 -12.27 11.73 4.13
C ASP A 63 -13.42 11.73 5.13
N ASN A 64 -13.37 12.64 6.11
CA ASN A 64 -14.37 12.82 7.16
C ASN A 64 -14.35 11.70 8.20
N SER A 65 -13.37 10.81 8.15
CA SER A 65 -13.11 9.97 9.30
C SER A 65 -12.58 10.82 10.45
N VAL A 66 -12.74 10.32 11.67
N VAL A 66 -12.71 10.28 11.67
CA VAL A 66 -12.20 11.02 12.82
CA VAL A 66 -12.31 10.95 12.89
C VAL A 66 -11.41 10.04 13.68
C VAL A 66 -11.41 10.02 13.68
N GLY A 67 -10.43 10.59 14.38
CA GLY A 67 -9.57 9.81 15.24
C GLY A 67 -9.25 10.58 16.50
N VAL A 68 -8.81 9.85 17.52
CA VAL A 68 -8.31 10.44 18.74
C VAL A 68 -7.03 9.71 19.12
N LEU A 69 -5.98 10.48 19.42
CA LEU A 69 -4.79 9.96 20.07
C LEU A 69 -4.93 10.31 21.54
N PHE A 70 -5.28 9.31 22.35
CA PHE A 70 -5.53 9.55 23.76
C PHE A 70 -4.21 9.73 24.52
N ASN A 71 -4.33 10.33 25.71
CA ASN A 71 -3.13 10.59 26.51
C ASN A 71 -2.42 9.31 26.92
N ASP A 72 -3.13 8.18 26.95
CA ASP A 72 -2.49 6.90 27.28
C ASP A 72 -1.85 6.25 26.06
N SER A 73 -1.65 7.00 24.98
CA SER A 73 -0.95 6.55 23.77
C SER A 73 -1.73 5.50 22.99
N THR A 74 -3.03 5.41 23.18
CA THR A 74 -3.89 4.57 22.35
C THR A 74 -4.67 5.44 21.37
N ARG A 75 -5.15 4.82 20.30
CA ARG A 75 -5.86 5.54 19.25
C ARG A 75 -7.18 4.84 18.95
N LEU A 76 -8.22 5.64 18.71
CA LEU A 76 -9.50 5.14 18.25
C LEU A 76 -9.90 5.92 17.01
N ILE A 77 -10.27 5.20 15.96
CA ILE A 77 -10.62 5.78 14.67
C ILE A 77 -12.04 5.37 14.32
N LEU A 78 -12.85 6.33 13.90
CA LEU A 78 -14.20 6.10 13.40
C LEU A 78 -14.22 6.43 11.91
N TYR A 79 -14.57 5.46 11.09
CA TYR A 79 -14.60 5.66 9.64
C TYR A 79 -15.76 6.59 9.27
N ASN A 80 -15.72 7.11 8.04
CA ASN A 80 -16.74 8.06 7.62
C ASN A 80 -18.10 7.42 7.42
N ASP A 81 -18.20 6.09 7.49
CA ASP A 81 -19.50 5.44 7.48
C ASP A 81 -20.26 5.65 8.79
N GLY A 82 -19.55 6.04 9.85
CA GLY A 82 -20.17 6.36 11.11
C GLY A 82 -20.31 5.21 12.08
N ASP A 83 -19.92 4.00 11.68
CA ASP A 83 -20.05 2.83 12.55
C ASP A 83 -18.77 2.05 12.71
N SER A 84 -17.98 1.88 11.65
CA SER A 84 -16.77 1.08 11.74
C SER A 84 -15.72 1.76 12.61
N LEU A 85 -15.08 0.97 13.47
CA LEU A 85 -14.07 1.47 14.40
C LEU A 85 -12.77 0.71 14.19
N GLN A 86 -11.66 1.39 14.46
CA GLN A 86 -10.35 0.77 14.57
C GLN A 86 -9.73 1.23 15.88
N TYR A 87 -9.31 0.29 16.72
CA TYR A 87 -8.65 0.60 17.97
C TYR A 87 -7.20 0.13 17.88
N ILE A 88 -6.28 1.00 18.27
CA ILE A 88 -4.86 0.69 18.23
C ILE A 88 -4.32 0.84 19.63
N GLU A 89 -3.85 -0.26 20.19
CA GLU A 89 -3.24 -0.26 21.52
C GLU A 89 -1.90 0.46 21.46
N ARG A 90 -1.26 0.57 22.62
CA ARG A 90 0.02 1.27 22.67
C ARG A 90 1.07 0.54 21.85
N ASP A 91 1.03 -0.80 21.86
CA ASP A 91 1.98 -1.57 21.08
C ASP A 91 1.86 -1.26 19.59
N GLY A 92 0.69 -0.82 19.15
CA GLY A 92 0.35 -0.72 17.74
C GLY A 92 -0.61 -1.80 17.33
N THR A 93 -0.95 -2.70 18.26
CA THR A 93 -1.90 -3.77 18.01
C THR A 93 -3.26 -3.19 17.60
N GLU A 94 -3.76 -3.63 16.46
CA GLU A 94 -4.98 -3.09 15.88
C GLU A 94 -6.13 -4.07 16.06
N SER A 95 -7.31 -3.52 16.35
CA SER A 95 -8.55 -4.28 16.46
C SER A 95 -9.64 -3.55 15.69
N TYR A 96 -10.42 -4.30 14.94
CA TYR A 96 -11.53 -3.76 14.16
C TYR A 96 -12.86 -4.16 14.81
N LEU A 97 -13.75 -3.19 14.94
CA LEU A 97 -15.05 -3.41 15.57
C LEU A 97 -16.00 -2.33 15.06
N THR A 98 -17.20 -2.28 15.64
CA THR A 98 -18.22 -1.33 15.23
C THR A 98 -18.82 -0.66 16.45
N VAL A 99 -19.36 0.54 16.26
CA VAL A 99 -20.07 1.21 17.34
C VAL A 99 -21.27 0.39 17.77
N SER A 100 -22.00 -0.16 16.80
CA SER A 100 -23.21 -0.91 17.12
C SER A 100 -22.89 -2.18 17.90
N SER A 101 -21.70 -2.75 17.69
CA SER A 101 -21.26 -3.97 18.38
C SER A 101 -19.82 -3.75 18.83
N HIS A 102 -19.64 -3.18 20.02
CA HIS A 102 -18.33 -2.89 20.56
C HIS A 102 -18.21 -3.41 21.98
N PRO A 103 -17.02 -3.84 22.38
CA PRO A 103 -16.83 -4.24 23.79
C PRO A 103 -17.14 -3.08 24.72
N ASN A 104 -17.77 -3.40 25.86
CA ASN A 104 -18.08 -2.36 26.83
C ASN A 104 -16.82 -1.67 27.32
N SER A 105 -15.67 -2.32 27.23
CA SER A 105 -14.41 -1.73 27.65
C SER A 105 -14.05 -0.47 26.88
N LEU A 106 -14.66 -0.24 25.72
CA LEU A 106 -14.37 0.95 24.92
C LEU A 106 -15.48 1.99 24.96
N MET A 107 -16.52 1.78 25.77
CA MET A 107 -17.62 2.74 25.80
C MET A 107 -17.13 4.15 26.13
N LYS A 108 -16.28 4.27 27.14
CA LYS A 108 -15.82 5.61 27.54
C LYS A 108 -15.04 6.28 26.41
N LYS A 109 -14.15 5.54 25.75
CA LYS A 109 -13.37 6.15 24.68
C LYS A 109 -14.24 6.45 23.46
N ILE A 110 -15.23 5.61 23.17
CA ILE A 110 -16.16 5.93 22.08
C ILE A 110 -16.93 7.20 22.40
N THR A 111 -17.36 7.35 23.65
CA THR A 111 -18.08 8.56 24.05
C THR A 111 -17.21 9.80 23.87
N LEU A 112 -15.94 9.71 24.26
CA LEU A 112 -15.03 10.84 24.08
C LEU A 112 -14.85 11.15 22.59
N LEU A 113 -14.67 10.13 21.75
CA LEU A 113 -14.50 10.36 20.34
C LEU A 113 -15.72 11.07 19.74
N LYS A 114 -16.92 10.67 20.17
CA LYS A 114 -18.12 11.30 19.64
C LYS A 114 -18.19 12.78 20.02
N TYR A 115 -17.77 13.11 21.25
CA TYR A 115 -17.74 14.53 21.63
C TYR A 115 -16.81 15.29 20.69
N PHE A 116 -15.66 14.72 20.37
CA PHE A 116 -14.75 15.33 19.40
C PHE A 116 -15.41 15.43 18.03
N ARG A 117 -15.99 14.33 17.55
CA ARG A 117 -16.58 14.32 16.23
C ARG A 117 -17.69 15.37 16.12
N ASN A 118 -18.61 15.37 17.09
CA ASN A 118 -19.72 16.32 17.04
C ASN A 118 -19.21 17.75 16.93
N TYR A 119 -18.19 18.10 17.71
CA TYR A 119 -17.69 19.47 17.68
C TYR A 119 -17.06 19.79 16.32
N MET A 120 -16.24 18.88 15.81
CA MET A 120 -15.45 19.19 14.62
C MET A 120 -16.31 19.25 13.37
N SER A 121 -17.31 18.37 13.25
CA SER A 121 -18.15 18.39 12.06
C SER A 121 -18.84 19.74 11.91
N GLU A 122 -19.22 20.36 13.03
CA GLU A 122 -20.07 21.54 13.01
C GLU A 122 -19.33 22.86 12.97
N HIS A 123 -18.10 22.94 13.51
CA HIS A 123 -17.55 24.25 13.86
C HIS A 123 -16.14 24.60 13.44
N LEU A 124 -15.39 23.71 12.78
CA LEU A 124 -14.04 24.05 12.35
C LEU A 124 -13.95 24.02 10.83
N LEU A 125 -13.04 24.80 10.28
CA LEU A 125 -12.82 24.80 8.85
C LEU A 125 -12.10 23.53 8.41
N LYS A 126 -12.37 23.10 7.18
CA LYS A 126 -11.69 21.96 6.59
C LYS A 126 -10.45 22.44 5.86
N ALA A 127 -9.28 22.08 6.36
CA ALA A 127 -8.06 22.32 5.62
C ALA A 127 -8.08 21.52 4.31
N GLY A 128 -7.68 22.16 3.22
CA GLY A 128 -7.66 21.48 1.95
C GLY A 128 -9.02 21.16 1.39
N ALA A 129 -10.03 21.96 1.74
CA ALA A 129 -11.38 21.70 1.24
C ALA A 129 -11.43 21.68 -0.28
N ASN A 130 -10.52 22.40 -0.94
CA ASN A 130 -10.50 22.51 -2.38
C ASN A 130 -9.54 21.52 -3.05
N ILE A 131 -8.97 20.59 -2.29
CA ILE A 131 -8.05 19.60 -2.83
C ILE A 131 -8.81 18.31 -3.08
N THR A 132 -8.72 17.79 -4.30
CA THR A 132 -9.25 16.47 -4.61
C THR A 132 -8.14 15.44 -4.41
N PRO A 133 -8.31 14.45 -3.53
CA PRO A 133 -7.27 13.44 -3.36
C PRO A 133 -6.98 12.71 -4.67
N ARG A 134 -5.74 12.23 -4.79
CA ARG A 134 -5.38 11.43 -5.97
C ARG A 134 -6.13 10.10 -5.96
N GLU A 135 -6.25 9.49 -7.14
CA GLU A 135 -6.93 8.21 -7.21
C GLU A 135 -6.07 7.15 -6.53
N GLY A 136 -6.69 6.39 -5.62
CA GLY A 136 -5.99 5.36 -4.90
C GLY A 136 -6.68 4.01 -4.97
N ASP A 137 -6.23 3.06 -4.14
CA ASP A 137 -6.83 1.74 -4.11
C ASP A 137 -7.63 1.56 -2.81
N ALA A 140 -4.09 2.90 0.25
CA ALA A 140 -5.21 1.97 0.32
C ALA A 140 -5.60 1.64 1.75
N ARG A 141 -4.81 2.14 2.71
CA ARG A 141 -5.05 1.88 4.13
C ARG A 141 -5.31 3.18 4.85
N LEU A 142 -6.33 3.17 5.72
CA LEU A 142 -6.62 4.37 6.52
C LEU A 142 -5.54 4.55 7.57
N PRO A 143 -4.85 5.70 7.62
CA PRO A 143 -3.83 5.93 8.64
C PRO A 143 -4.39 6.48 9.94
N TYR A 144 -3.57 6.37 10.99
CA TYR A 144 -3.88 6.99 12.26
C TYR A 144 -2.75 7.94 12.65
N LEU A 145 -3.04 8.80 13.63
CA LEU A 145 -2.06 9.76 14.12
C LEU A 145 -1.05 9.05 15.01
N ARG A 146 0.20 9.00 14.55
CA ARG A 146 1.29 8.38 15.31
C ARG A 146 1.81 9.30 16.41
N THR A 147 2.12 10.54 16.04
CA THR A 147 2.73 11.50 16.95
C THR A 147 2.29 12.90 16.54
N TRP A 148 2.33 13.81 17.50
CA TRP A 148 2.11 15.22 17.19
C TRP A 148 2.80 16.05 18.28
N PHE A 149 3.13 17.28 17.94
CA PHE A 149 3.57 18.27 18.91
C PHE A 149 3.35 19.65 18.32
N ARG A 150 3.45 20.66 19.18
CA ARG A 150 3.32 22.03 18.72
C ARG A 150 4.59 22.80 19.10
N THR A 151 4.92 23.76 18.25
CA THR A 151 6.01 24.69 18.46
C THR A 151 5.46 26.11 18.47
N ARG A 152 6.37 27.08 18.57
CA ARG A 152 5.96 28.48 18.47
C ARG A 152 5.25 28.74 17.16
N SER A 153 5.69 28.09 16.07
CA SER A 153 5.23 28.44 14.74
C SER A 153 4.24 27.47 14.12
N ALA A 154 4.12 26.24 14.62
CA ALA A 154 3.30 25.28 13.92
C ALA A 154 2.86 24.14 14.83
N ILE A 155 1.89 23.38 14.34
CA ILE A 155 1.57 22.06 14.87
C ILE A 155 2.02 21.03 13.84
N ILE A 156 2.66 19.97 14.33
CA ILE A 156 3.26 18.93 13.51
C ILE A 156 2.49 17.64 13.75
N LEU A 157 2.00 17.03 12.68
CA LEU A 157 1.14 15.85 12.75
C LEU A 157 1.77 14.75 11.91
N HIS A 158 2.12 13.64 12.54
CA HIS A 158 2.79 12.52 11.90
C HIS A 158 1.83 11.35 11.80
N LEU A 159 1.48 10.97 10.56
CA LEU A 159 0.54 9.91 10.32
C LEU A 159 1.26 8.58 10.12
N SER A 160 0.52 7.49 10.37
CA SER A 160 1.09 6.15 10.35
C SER A 160 1.46 5.67 8.94
N ASN A 161 1.02 6.38 7.91
CA ASN A 161 1.42 6.05 6.54
C ASN A 161 2.70 6.77 6.13
N GLY A 162 3.35 7.46 7.07
CA GLY A 162 4.59 8.16 6.81
C GLY A 162 4.45 9.64 6.54
N SER A 163 3.23 10.11 6.26
CA SER A 163 3.04 11.52 5.95
C SER A 163 3.29 12.38 7.18
N VAL A 164 3.84 13.57 6.95
CA VAL A 164 4.06 14.57 7.98
C VAL A 164 3.36 15.85 7.52
N GLN A 165 2.46 16.36 8.34
CA GLN A 165 1.75 17.60 8.07
C GLN A 165 2.17 18.66 9.07
N ILE A 166 2.43 19.86 8.56
CA ILE A 166 2.87 20.99 9.37
C ILE A 166 1.95 22.16 9.07
N ASN A 167 1.14 22.55 10.05
CA ASN A 167 0.23 23.68 9.93
C ASN A 167 0.82 24.88 10.68
N PHE A 168 1.11 25.95 9.95
CA PHE A 168 1.72 27.14 10.55
C PHE A 168 0.66 28.09 11.10
N PHE A 169 0.91 28.58 12.32
CA PHE A 169 -0.09 29.35 13.03
C PHE A 169 -0.23 30.76 12.45
N GLN A 170 0.90 31.41 12.17
CA GLN A 170 0.85 32.85 11.94
C GLN A 170 0.02 33.15 10.68
N ASP A 171 0.31 32.46 9.58
CA ASP A 171 -0.30 32.76 8.29
C ASP A 171 -1.18 31.65 7.73
N HIS A 172 -1.43 30.58 8.49
CA HIS A 172 -2.31 29.49 8.08
C HIS A 172 -1.79 28.71 6.87
N THR A 173 -0.51 28.86 6.54
CA THR A 173 0.08 28.04 5.50
C THR A 173 0.33 26.63 6.04
N LYS A 174 0.40 25.66 5.12
CA LYS A 174 0.46 24.26 5.51
C LYS A 174 1.32 23.46 4.54
N LEU A 175 2.07 22.50 5.09
CA LEU A 175 2.82 21.53 4.31
C LEU A 175 2.26 20.13 4.56
N ILE A 176 2.12 19.34 3.50
CA ILE A 176 1.83 17.92 3.63
C ILE A 176 2.96 17.19 2.90
N LEU A 177 3.78 16.47 3.66
CA LEU A 177 4.95 15.79 3.15
C LEU A 177 4.71 14.28 3.12
N CYS A 178 5.01 13.66 1.99
CA CYS A 178 4.90 12.21 1.86
C CYS A 178 6.25 11.63 1.44
N PRO A 179 6.84 10.73 2.22
CA PRO A 179 8.13 10.15 1.82
C PRO A 179 8.01 9.01 0.81
N LEU A 180 6.81 8.49 0.58
CA LEU A 180 6.63 7.45 -0.44
C LEU A 180 6.54 8.09 -1.83
N MET A 181 5.75 9.15 -1.97
CA MET A 181 5.75 9.94 -3.20
C MET A 181 6.98 10.84 -3.31
N ALA A 182 7.71 11.01 -2.21
CA ALA A 182 8.80 11.98 -2.13
C ALA A 182 8.33 13.35 -2.63
N ALA A 183 7.23 13.80 -2.05
CA ALA A 183 6.50 14.96 -2.54
C ALA A 183 6.09 15.85 -1.39
N VAL A 184 5.82 17.11 -1.71
CA VAL A 184 5.31 18.07 -0.73
C VAL A 184 4.16 18.84 -1.36
N THR A 185 3.09 18.99 -0.60
CA THR A 185 1.96 19.83 -0.98
C THR A 185 2.02 21.08 -0.12
N TYR A 186 1.98 22.25 -0.76
CA TYR A 186 2.05 23.52 -0.06
C TYR A 186 0.73 24.26 -0.24
N ILE A 187 0.10 24.60 0.88
CA ILE A 187 -1.12 25.40 0.93
C ILE A 187 -0.73 26.79 1.40
N ASP A 188 -0.95 27.79 0.55
CA ASP A 188 -0.52 29.14 0.89
C ASP A 188 -1.64 29.86 1.65
N GLU A 189 -1.37 31.12 2.01
CA GLU A 189 -2.30 31.84 2.88
C GLU A 189 -3.63 32.11 2.18
N LYS A 190 -3.65 32.18 0.86
CA LYS A 190 -4.89 32.31 0.10
C LYS A 190 -5.63 30.99 -0.07
N ARG A 191 -5.08 29.90 0.47
CA ARG A 191 -5.62 28.54 0.38
C ARG A 191 -5.47 27.93 -1.02
N ASP A 192 -4.75 28.59 -1.91
CA ASP A 192 -4.30 27.90 -3.12
C ASP A 192 -3.24 26.87 -2.76
N PHE A 193 -3.12 25.85 -3.61
CA PHE A 193 -2.25 24.73 -3.29
C PHE A 193 -1.56 24.22 -4.54
N ARG A 194 -0.37 23.68 -4.34
CA ARG A 194 0.39 23.01 -5.39
C ARG A 194 1.08 21.80 -4.76
N THR A 195 1.23 20.74 -5.54
CA THR A 195 1.99 19.57 -5.12
C THR A 195 3.24 19.45 -5.97
N TYR A 196 4.37 19.20 -5.31
CA TYR A 196 5.67 19.16 -5.96
C TYR A 196 6.36 17.84 -5.66
N ARG A 197 7.12 17.35 -6.64
CA ARG A 197 8.10 16.31 -6.37
C ARG A 197 9.36 16.97 -5.82
N LEU A 198 9.84 16.49 -4.66
CA LEU A 198 10.97 17.16 -4.02
C LEU A 198 12.19 17.15 -4.92
N SER A 199 12.42 16.07 -5.66
CA SER A 199 13.57 16.02 -6.55
C SER A 199 13.49 17.09 -7.64
N LEU A 200 12.28 17.43 -8.09
CA LEU A 200 12.13 18.48 -9.09
C LEU A 200 12.31 19.86 -8.49
N LEU A 201 11.97 20.05 -7.21
CA LEU A 201 12.32 21.29 -6.53
C LEU A 201 13.83 21.46 -6.47
N GLU A 202 14.56 20.36 -6.23
CA GLU A 202 16.02 20.45 -6.29
C GLU A 202 16.49 20.85 -7.68
N GLU A 203 15.86 20.31 -8.72
CA GLU A 203 16.29 20.62 -10.09
C GLU A 203 15.96 22.05 -10.47
N TYR A 204 14.73 22.50 -10.21
CA TYR A 204 14.24 23.76 -10.76
C TYR A 204 14.18 24.90 -9.76
N GLY A 205 14.25 24.61 -8.45
CA GLY A 205 14.21 25.67 -7.45
C GLY A 205 12.80 26.08 -7.04
N CYS A 206 12.74 27.04 -6.13
CA CYS A 206 11.47 27.55 -5.63
C CYS A 206 11.70 28.89 -4.94
N CYS A 207 10.58 29.54 -4.58
CA CYS A 207 10.65 30.85 -3.95
C CYS A 207 11.14 30.75 -2.50
N LYS A 208 11.54 31.89 -1.95
CA LYS A 208 12.08 31.93 -0.59
C LYS A 208 11.05 31.45 0.42
N GLU A 209 9.77 31.74 0.17
CA GLU A 209 8.72 31.35 1.12
C GLU A 209 8.67 29.84 1.29
N LEU A 210 8.65 29.10 0.18
CA LEU A 210 8.61 27.65 0.26
C LEU A 210 9.95 27.10 0.76
N ALA A 211 11.06 27.69 0.32
CA ALA A 211 12.36 27.21 0.79
C ALA A 211 12.47 27.31 2.31
N SER A 212 12.00 28.42 2.88
CA SER A 212 12.05 28.59 4.33
CA SER A 212 12.08 28.58 4.32
C SER A 212 11.23 27.53 5.05
N ARG A 213 10.06 27.20 4.51
CA ARG A 213 9.22 26.22 5.17
C ARG A 213 9.78 24.82 5.03
N LEU A 214 10.51 24.55 3.94
CA LEU A 214 11.16 23.24 3.81
C LEU A 214 12.36 23.12 4.73
N ARG A 215 13.09 24.22 4.97
CA ARG A 215 14.14 24.19 5.99
C ARG A 215 13.53 23.92 7.37
N TYR A 216 12.42 24.58 7.69
CA TYR A 216 11.74 24.34 8.96
C TYR A 216 11.27 22.89 9.04
N ALA A 217 10.74 22.35 7.95
CA ALA A 217 10.26 20.98 7.95
C ALA A 217 11.36 20.00 8.32
N ARG A 218 12.57 20.22 7.81
CA ARG A 218 13.69 19.35 8.19
C ARG A 218 13.93 19.38 9.70
N THR A 219 13.89 20.58 10.29
CA THR A 219 14.04 20.67 11.75
C THR A 219 12.94 19.87 12.46
N MET A 220 11.73 19.89 11.90
CA MET A 220 10.62 19.21 12.54
C MET A 220 10.76 17.69 12.42
N VAL A 221 11.28 17.21 11.29
CA VAL A 221 11.49 15.79 11.14
C VAL A 221 12.59 15.31 12.08
N ASP A 222 13.62 16.15 12.31
CA ASP A 222 14.62 15.81 13.33
C ASP A 222 13.94 15.59 14.68
N LYS A 223 13.00 16.47 15.03
CA LYS A 223 12.28 16.34 16.29
C LYS A 223 11.49 15.03 16.33
N LEU A 224 10.78 14.72 15.26
CA LEU A 224 10.02 13.47 15.23
C LEU A 224 10.95 12.27 15.41
N LEU A 225 12.13 12.31 14.78
CA LEU A 225 13.06 11.20 14.90
C LEU A 225 13.52 11.02 16.34
N SER A 226 13.73 12.14 17.05
CA SER A 226 14.10 12.05 18.47
C SER A 226 12.91 11.74 19.37
N SER A 227 11.74 11.48 18.80
CA SER A 227 10.54 11.17 19.57
C SER A 227 10.32 12.16 20.70
N CYS B 6 1.44 -1.76 -0.36
CA CYS B 6 2.33 -2.89 -0.62
C CYS B 6 1.67 -4.19 -0.17
N HIS B 7 0.90 -4.13 0.93
CA HIS B 7 0.10 -5.25 1.40
C HIS B 7 0.85 -6.35 2.16
N LEU B 8 2.16 -6.49 1.94
CA LEU B 8 2.86 -7.65 2.48
C LEU B 8 2.74 -7.73 4.01
N SER B 9 2.78 -6.57 4.70
CA SER B 9 2.61 -6.60 6.14
C SER B 9 1.23 -7.15 6.53
N ASP B 10 0.19 -6.71 5.83
CA ASP B 10 -1.14 -7.26 6.09
C ASP B 10 -1.14 -8.77 5.88
N MET B 11 -0.49 -9.25 4.82
CA MET B 11 -0.43 -10.69 4.60
C MET B 11 0.33 -11.39 5.73
N LEU B 12 1.44 -10.79 6.18
CA LEU B 12 2.17 -11.36 7.30
C LEU B 12 1.33 -11.40 8.57
N GLN B 13 0.61 -10.31 8.85
CA GLN B 13 -0.29 -10.30 10.00
C GLN B 13 -1.31 -11.43 9.90
N GLN B 14 -1.93 -11.56 8.73
CA GLN B 14 -2.96 -12.57 8.54
C GLN B 14 -2.38 -13.97 8.73
N LEU B 15 -1.17 -14.20 8.22
CA LEU B 15 -0.57 -15.54 8.35
C LEU B 15 -0.10 -15.82 9.77
N HIS B 16 0.56 -14.87 10.43
CA HIS B 16 0.99 -15.12 11.79
C HIS B 16 -0.20 -15.45 12.68
N SER B 17 -1.30 -14.71 12.48
CA SER B 17 -2.50 -14.91 13.29
C SER B 17 -3.06 -16.31 13.10
N VAL B 18 -3.22 -16.73 11.84
CA VAL B 18 -3.80 -18.05 11.60
C VAL B 18 -2.86 -19.14 12.09
N ASN B 19 -1.55 -19.00 11.81
CA ASN B 19 -0.60 -20.02 12.24
C ASN B 19 -0.50 -20.09 13.76
N ALA B 20 -0.57 -18.95 14.44
CA ALA B 20 -0.47 -18.95 15.89
C ALA B 20 -1.58 -19.77 16.52
N SER B 21 -2.76 -19.81 15.89
CA SER B 21 -3.87 -20.59 16.41
C SER B 21 -3.68 -22.08 16.22
N LYS B 22 -2.59 -22.49 15.58
CA LYS B 22 -2.26 -23.90 15.35
C LYS B 22 -3.49 -24.60 14.80
N PRO B 23 -3.88 -24.26 13.57
CA PRO B 23 -5.15 -24.78 13.03
C PRO B 23 -5.21 -26.29 12.95
N SER B 24 -4.08 -26.97 12.86
CA SER B 24 -4.10 -28.43 12.73
C SER B 24 -4.43 -29.15 14.03
N GLU B 25 -4.29 -28.49 15.18
CA GLU B 25 -4.41 -29.15 16.47
C GLU B 25 -5.77 -28.94 17.13
N ARG B 26 -6.83 -28.77 16.36
CA ARG B 26 -8.13 -28.58 16.98
C ARG B 26 -8.76 -29.92 17.33
N GLY B 27 -9.64 -29.89 18.34
CA GLY B 27 -10.33 -31.10 18.73
C GLY B 27 -11.15 -31.69 17.60
N LEU B 28 -11.84 -30.84 16.84
CA LEU B 28 -12.52 -31.27 15.62
C LEU B 28 -12.26 -30.23 14.54
N VAL B 29 -11.39 -30.58 13.59
CA VAL B 29 -11.15 -29.70 12.45
C VAL B 29 -12.39 -29.67 11.57
N ARG B 30 -12.82 -28.45 11.21
CA ARG B 30 -13.95 -28.25 10.30
C ARG B 30 -13.46 -27.39 9.15
N GLN B 31 -12.49 -27.91 8.39
CA GLN B 31 -11.86 -27.14 7.33
C GLN B 31 -12.87 -26.70 6.28
N GLU B 32 -13.86 -27.55 5.99
CA GLU B 32 -14.83 -27.23 4.96
C GLU B 32 -15.66 -26.01 5.32
N GLU B 33 -15.84 -25.74 6.62
CA GLU B 33 -16.62 -24.58 7.03
C GLU B 33 -15.89 -23.27 6.74
N ALA B 34 -14.59 -23.31 6.46
CA ALA B 34 -13.82 -22.11 6.17
C ALA B 34 -13.78 -21.77 4.68
N GLU B 35 -14.36 -22.61 3.84
CA GLU B 35 -14.37 -22.36 2.41
C GLU B 35 -15.23 -21.14 2.09
N ASP B 36 -14.76 -20.33 1.13
CA ASP B 36 -15.52 -19.20 0.63
C ASP B 36 -15.21 -19.03 -0.84
N PRO B 37 -16.03 -19.63 -1.71
CA PRO B 37 -15.74 -19.51 -3.16
C PRO B 37 -15.82 -18.09 -3.68
N ALA B 38 -16.51 -17.19 -2.98
CA ALA B 38 -16.58 -15.80 -3.42
C ALA B 38 -15.23 -15.12 -3.41
N CYS B 39 -14.26 -15.65 -2.66
CA CYS B 39 -12.94 -15.05 -2.54
C CYS B 39 -11.93 -15.60 -3.53
N ILE B 40 -12.38 -16.41 -4.50
CA ILE B 40 -11.44 -16.93 -5.49
C ILE B 40 -10.75 -15.75 -6.17
N PRO B 41 -9.44 -15.80 -6.41
CA PRO B 41 -8.76 -14.64 -6.98
C PRO B 41 -9.26 -14.31 -8.38
N ILE B 42 -8.95 -13.09 -8.82
CA ILE B 42 -9.20 -12.72 -10.20
C ILE B 42 -8.04 -13.19 -11.08
N PHE B 43 -6.82 -13.07 -10.57
CA PHE B 43 -5.62 -13.37 -11.32
C PHE B 43 -4.71 -14.31 -10.54
N TRP B 44 -4.03 -15.18 -11.28
CA TRP B 44 -2.89 -15.93 -10.76
C TRP B 44 -1.99 -16.25 -11.93
N VAL B 45 -0.79 -16.72 -11.62
CA VAL B 45 0.18 -17.08 -12.65
C VAL B 45 -0.13 -18.49 -13.10
N SER B 46 -0.48 -18.66 -14.37
CA SER B 46 -0.82 -19.95 -14.93
C SER B 46 0.37 -20.65 -15.57
N LYS B 47 1.39 -19.90 -15.97
CA LYS B 47 2.57 -20.45 -16.61
C LYS B 47 3.76 -19.51 -16.36
N TRP B 48 4.97 -20.06 -16.38
CA TRP B 48 6.15 -19.22 -16.24
C TRP B 48 7.36 -19.92 -16.84
N VAL B 49 8.36 -19.11 -17.19
CA VAL B 49 9.64 -19.59 -17.71
C VAL B 49 10.73 -18.75 -17.04
N ASP B 50 11.64 -19.41 -16.33
CA ASP B 50 12.76 -18.73 -15.69
C ASP B 50 13.92 -18.74 -16.68
N TYR B 51 14.03 -17.67 -17.46
CA TYR B 51 15.16 -17.46 -18.36
C TYR B 51 16.06 -16.36 -17.79
N SER B 52 16.19 -16.33 -16.46
CA SER B 52 16.87 -15.24 -15.77
C SER B 52 18.39 -15.31 -15.96
N ASP B 53 18.90 -16.41 -16.50
CA ASP B 53 20.32 -16.45 -16.82
C ASP B 53 20.67 -15.48 -17.94
N LYS B 54 19.70 -15.15 -18.80
CA LYS B 54 19.94 -14.29 -19.95
C LYS B 54 19.04 -13.08 -20.01
N TYR B 55 17.73 -13.25 -19.83
CA TYR B 55 16.80 -12.16 -20.10
C TYR B 55 15.94 -11.81 -18.90
N GLY B 56 15.39 -12.79 -18.21
CA GLY B 56 14.49 -12.55 -17.11
C GLY B 56 13.47 -13.66 -17.01
N LEU B 57 12.36 -13.34 -16.35
CA LEU B 57 11.30 -14.31 -16.08
C LEU B 57 10.05 -13.93 -16.84
N GLY B 58 9.61 -14.80 -17.75
CA GLY B 58 8.36 -14.64 -18.46
C GLY B 58 7.25 -15.42 -17.79
N TYR B 59 6.02 -14.91 -17.92
CA TYR B 59 4.90 -15.55 -17.24
C TYR B 59 3.60 -15.23 -17.98
N GLN B 60 2.60 -16.06 -17.71
CA GLN B 60 1.25 -15.91 -18.22
C GLN B 60 0.29 -15.81 -17.05
N LEU B 61 -0.63 -14.86 -17.10
CA LEU B 61 -1.69 -14.81 -16.11
C LEU B 61 -2.87 -15.65 -16.61
N CYS B 62 -3.77 -15.99 -15.68
CA CYS B 62 -4.86 -16.91 -16.00
C CYS B 62 -5.79 -16.36 -17.08
N ASP B 63 -5.72 -15.07 -17.39
CA ASP B 63 -6.53 -14.49 -18.45
C ASP B 63 -5.82 -14.52 -19.79
N ASN B 64 -4.69 -15.21 -19.88
CA ASN B 64 -3.88 -15.37 -21.09
C ASN B 64 -3.10 -14.12 -21.45
N SER B 65 -3.14 -13.08 -20.61
CA SER B 65 -2.15 -12.02 -20.74
C SER B 65 -0.79 -12.58 -20.36
N VAL B 66 0.27 -11.94 -20.86
N VAL B 66 0.26 -11.91 -20.85
CA VAL B 66 1.62 -12.39 -20.59
CA VAL B 66 1.65 -12.33 -20.71
C VAL B 66 2.47 -11.20 -20.18
C VAL B 66 2.46 -11.17 -20.15
N GLY B 67 3.56 -11.50 -19.47
CA GLY B 67 4.44 -10.48 -18.96
C GLY B 67 5.86 -11.02 -18.86
N VAL B 68 6.81 -10.09 -18.79
CA VAL B 68 8.20 -10.42 -18.55
C VAL B 68 8.76 -9.44 -17.54
N LEU B 69 9.43 -9.96 -16.52
CA LEU B 69 10.26 -9.13 -15.62
C LEU B 69 11.70 -9.34 -16.07
N PHE B 70 12.25 -8.33 -16.75
CA PHE B 70 13.60 -8.45 -17.30
C PHE B 70 14.64 -8.30 -16.20
N ASN B 71 15.86 -8.76 -16.51
CA ASN B 71 16.94 -8.71 -15.54
C ASN B 71 17.30 -7.28 -15.16
N ASP B 72 17.00 -6.30 -16.00
CA ASP B 72 17.26 -4.90 -15.69
C ASP B 72 16.14 -4.27 -14.86
N SER B 73 15.28 -5.08 -14.26
CA SER B 73 14.22 -4.64 -13.36
C SER B 73 13.13 -3.85 -14.06
N THR B 74 13.00 -4.00 -15.38
CA THR B 74 11.90 -3.40 -16.12
C THR B 74 10.90 -4.49 -16.49
N ARG B 75 9.67 -4.07 -16.78
CA ARG B 75 8.58 -4.98 -17.04
C ARG B 75 7.84 -4.62 -18.32
N LEU B 76 7.44 -5.65 -19.06
CA LEU B 76 6.61 -5.48 -20.25
C LEU B 76 5.41 -6.41 -20.13
N ILE B 77 4.21 -5.87 -20.33
CA ILE B 77 2.96 -6.61 -20.19
C ILE B 77 2.25 -6.57 -21.53
N LEU B 78 1.77 -7.72 -21.97
CA LEU B 78 0.94 -7.82 -23.17
C LEU B 78 -0.47 -8.24 -22.74
N TYR B 79 -1.45 -7.38 -23.02
CA TYR B 79 -2.82 -7.71 -22.68
C TYR B 79 -3.32 -8.83 -23.59
N ASN B 80 -4.40 -9.49 -23.17
CA ASN B 80 -4.85 -10.66 -23.90
C ASN B 80 -5.50 -10.31 -25.24
N ASP B 81 -5.69 -9.02 -25.54
CA ASP B 81 -6.14 -8.65 -26.89
C ASP B 81 -5.04 -8.86 -27.91
N GLY B 82 -3.79 -9.01 -27.46
CA GLY B 82 -2.69 -9.32 -28.34
C GLY B 82 -1.92 -8.14 -28.88
N ASP B 83 -2.37 -6.92 -28.63
CA ASP B 83 -1.64 -5.75 -29.13
C ASP B 83 -1.32 -4.73 -28.04
N SER B 84 -2.22 -4.51 -27.09
CA SER B 84 -1.99 -3.48 -26.08
C SER B 84 -0.84 -3.89 -25.15
N LEU B 85 0.05 -2.94 -24.89
CA LEU B 85 1.23 -3.15 -24.07
C LEU B 85 1.26 -2.15 -22.91
N GLN B 86 1.90 -2.56 -21.82
CA GLN B 86 2.27 -1.65 -20.75
C GLN B 86 3.74 -1.88 -20.41
N TYR B 87 4.51 -0.80 -20.40
CA TYR B 87 5.93 -0.84 -20.06
C TYR B 87 6.14 -0.11 -18.74
N ILE B 88 6.89 -0.73 -17.83
CA ILE B 88 7.16 -0.16 -16.52
C ILE B 88 8.67 -0.07 -16.34
N GLU B 89 9.16 1.15 -16.16
CA GLU B 89 10.58 1.40 -15.97
C GLU B 89 11.01 0.93 -14.58
N ARG B 90 12.31 1.05 -14.27
CA ARG B 90 12.78 0.59 -12.98
C ARG B 90 12.20 1.43 -11.84
N ASP B 91 12.17 2.75 -12.02
CA ASP B 91 11.56 3.62 -11.01
C ASP B 91 10.08 3.32 -10.82
N GLY B 92 9.43 2.72 -11.81
CA GLY B 92 8.00 2.49 -11.79
C GLY B 92 7.16 3.27 -12.77
N THR B 93 7.74 4.15 -13.58
CA THR B 93 6.96 4.89 -14.56
C THR B 93 6.28 3.93 -15.54
N GLU B 94 4.97 4.07 -15.69
CA GLU B 94 4.18 3.20 -16.56
C GLU B 94 3.80 3.92 -17.85
N SER B 95 3.87 3.20 -18.97
CA SER B 95 3.51 3.73 -20.27
C SER B 95 2.68 2.74 -21.06
N TYR B 96 1.69 3.23 -21.78
CA TYR B 96 0.84 2.40 -22.64
C TYR B 96 1.25 2.55 -24.09
N LEU B 97 1.34 1.44 -24.79
CA LEU B 97 1.68 1.42 -26.20
C LEU B 97 1.13 0.14 -26.80
N THR B 98 1.44 -0.11 -28.07
CA THR B 98 0.93 -1.27 -28.79
C THR B 98 2.06 -1.94 -29.54
N VAL B 99 1.87 -3.22 -29.84
CA VAL B 99 2.85 -3.93 -30.65
C VAL B 99 2.94 -3.31 -32.05
N SER B 100 1.78 -3.00 -32.64
CA SER B 100 1.77 -2.45 -33.99
C SER B 100 2.39 -1.07 -34.07
N SER B 101 2.35 -0.30 -32.98
CA SER B 101 2.90 1.04 -32.93
C SER B 101 3.72 1.14 -31.64
N HIS B 102 5.00 0.77 -31.71
CA HIS B 102 5.85 0.77 -30.54
C HIS B 102 7.14 1.51 -30.81
N PRO B 103 7.69 2.20 -29.81
CA PRO B 103 8.99 2.84 -29.99
C PRO B 103 10.06 1.82 -30.35
N ASN B 104 10.95 2.19 -31.26
CA ASN B 104 12.02 1.28 -31.65
C ASN B 104 12.92 0.93 -30.48
N SER B 105 12.98 1.78 -29.45
CA SER B 105 13.80 1.47 -28.28
C SER B 105 13.38 0.18 -27.60
N LEU B 106 12.15 -0.29 -27.84
CA LEU B 106 11.63 -1.50 -27.21
C LEU B 106 11.55 -2.68 -28.18
N MET B 107 12.11 -2.55 -29.40
CA MET B 107 12.02 -3.64 -30.36
C MET B 107 12.53 -4.95 -29.78
N LYS B 108 13.71 -4.92 -29.15
CA LYS B 108 14.30 -6.15 -28.64
C LYS B 108 13.45 -6.75 -27.53
N LYS B 109 12.98 -5.92 -26.58
CA LYS B 109 12.21 -6.45 -25.47
C LYS B 109 10.85 -6.98 -25.94
N ILE B 110 10.24 -6.34 -26.93
CA ILE B 110 9.02 -6.88 -27.51
C ILE B 110 9.30 -8.21 -28.21
N THR B 111 10.43 -8.30 -28.91
CA THR B 111 10.78 -9.56 -29.57
C THR B 111 10.94 -10.67 -28.53
N LEU B 112 11.60 -10.36 -27.42
CA LEU B 112 11.74 -11.36 -26.35
C LEU B 112 10.39 -11.74 -25.78
N LEU B 113 9.51 -10.76 -25.53
CA LEU B 113 8.20 -11.08 -24.99
C LEU B 113 7.42 -11.99 -25.94
N LYS B 114 7.53 -11.74 -27.24
CA LYS B 114 6.84 -12.59 -28.21
C LYS B 114 7.35 -14.03 -28.13
N TYR B 115 8.68 -14.20 -27.98
CA TYR B 115 9.22 -15.55 -27.84
C TYR B 115 8.66 -16.23 -26.58
N PHE B 116 8.57 -15.47 -25.48
CA PHE B 116 7.97 -16.02 -24.25
C PHE B 116 6.51 -16.39 -24.49
N ARG B 117 5.74 -15.48 -25.09
CA ARG B 117 4.33 -15.72 -25.32
C ARG B 117 4.12 -16.96 -26.18
N ASN B 118 4.81 -17.05 -27.31
CA ASN B 118 4.65 -18.20 -28.19
C ASN B 118 4.93 -19.50 -27.45
N TYR B 119 6.00 -19.52 -26.66
CA TYR B 119 6.41 -20.75 -25.99
C TYR B 119 5.37 -21.21 -24.99
N MET B 120 4.85 -20.28 -24.18
CA MET B 120 4.00 -20.68 -23.07
C MET B 120 2.63 -21.15 -23.55
N SER B 121 2.08 -20.50 -24.57
CA SER B 121 0.78 -20.92 -25.08
C SER B 121 0.83 -22.34 -25.64
N GLU B 122 1.95 -22.71 -26.28
CA GLU B 122 2.00 -23.97 -26.99
C GLU B 122 2.47 -25.15 -26.14
N HIS B 123 3.26 -24.93 -25.09
CA HIS B 123 4.02 -26.03 -24.51
C HIS B 123 3.90 -26.22 -23.01
N LEU B 124 3.21 -25.35 -22.30
CA LEU B 124 3.07 -25.51 -20.86
C LEU B 124 1.60 -25.66 -20.46
N LEU B 125 1.39 -26.34 -19.34
CA LEU B 125 0.05 -26.50 -18.78
C LEU B 125 -0.39 -25.20 -18.11
N LYS B 126 -1.71 -24.99 -18.10
CA LYS B 126 -2.30 -23.82 -17.45
C LYS B 126 -2.66 -24.21 -16.02
N ALA B 127 -1.95 -23.64 -15.05
CA ALA B 127 -2.33 -23.85 -13.65
C ALA B 127 -3.71 -23.28 -13.40
N GLY B 128 -4.53 -24.02 -12.67
CA GLY B 128 -5.87 -23.58 -12.35
C GLY B 128 -6.81 -23.56 -13.54
N ALA B 129 -6.55 -24.42 -14.53
CA ALA B 129 -7.43 -24.46 -15.71
C ALA B 129 -8.87 -24.77 -15.32
N ASN B 130 -9.07 -25.46 -14.20
CA ASN B 130 -10.41 -25.85 -13.75
C ASN B 130 -11.02 -24.83 -12.78
N ILE B 131 -10.36 -23.70 -12.59
CA ILE B 131 -10.85 -22.62 -11.72
C ILE B 131 -11.48 -21.55 -12.59
N THR B 132 -12.69 -21.14 -12.24
CA THR B 132 -13.29 -19.96 -12.86
C THR B 132 -12.89 -18.73 -12.05
N PRO B 133 -12.15 -17.78 -12.62
CA PRO B 133 -11.72 -16.61 -11.85
C PRO B 133 -12.90 -15.78 -11.36
N ARG B 134 -12.64 -15.03 -10.28
CA ARG B 134 -13.61 -14.07 -9.79
C ARG B 134 -13.81 -12.96 -10.81
N GLU B 135 -14.99 -12.35 -10.80
CA GLU B 135 -15.27 -11.24 -11.70
C GLU B 135 -14.48 -10.01 -11.27
N GLY B 136 -13.83 -9.36 -12.23
CA GLY B 136 -13.03 -8.20 -11.95
C GLY B 136 -13.45 -7.01 -12.80
N ASP B 137 -12.64 -5.97 -12.82
CA ASP B 137 -12.93 -4.75 -13.57
C ASP B 137 -12.05 -4.74 -14.82
N GLU B 138 -12.67 -4.96 -15.98
CA GLU B 138 -11.89 -5.04 -17.22
C GLU B 138 -11.13 -3.75 -17.49
N LEU B 139 -11.66 -2.61 -17.03
CA LEU B 139 -11.01 -1.33 -17.26
C LEU B 139 -9.83 -1.08 -16.34
N ALA B 140 -9.63 -1.91 -15.33
CA ALA B 140 -8.54 -1.71 -14.39
C ALA B 140 -7.22 -2.17 -14.97
N ARG B 141 -6.14 -1.61 -14.44
CA ARG B 141 -4.81 -1.99 -14.89
C ARG B 141 -4.51 -3.43 -14.48
N LEU B 142 -3.88 -4.17 -15.37
CA LEU B 142 -3.48 -5.52 -15.08
C LEU B 142 -2.40 -5.52 -13.99
N PRO B 143 -2.43 -6.47 -13.05
CA PRO B 143 -1.32 -6.58 -12.12
C PRO B 143 -0.11 -7.13 -12.87
N TYR B 144 1.07 -6.81 -12.36
CA TYR B 144 2.31 -7.32 -12.92
C TYR B 144 3.13 -7.97 -11.82
N LEU B 145 4.16 -8.68 -12.24
CA LEU B 145 5.07 -9.35 -11.31
C LEU B 145 6.01 -8.33 -10.70
N ARG B 146 5.89 -8.11 -9.39
CA ARG B 146 6.77 -7.19 -8.69
C ARG B 146 8.13 -7.83 -8.44
N THR B 147 8.13 -9.02 -7.83
CA THR B 147 9.35 -9.70 -7.47
C THR B 147 9.06 -11.19 -7.44
N TRP B 148 10.13 -11.98 -7.58
CA TRP B 148 10.02 -13.42 -7.47
C TRP B 148 11.34 -13.98 -7.00
N PHE B 149 11.30 -15.19 -6.44
CA PHE B 149 12.51 -15.93 -6.14
C PHE B 149 12.12 -17.40 -6.05
N ARG B 150 13.13 -18.26 -6.06
CA ARG B 150 12.93 -19.69 -5.97
C ARG B 150 13.74 -20.27 -4.82
N THR B 151 13.20 -21.32 -4.23
CA THR B 151 13.88 -22.10 -3.21
C THR B 151 14.01 -23.54 -3.70
N ARG B 152 14.56 -24.41 -2.85
CA ARG B 152 14.61 -25.83 -3.19
C ARG B 152 13.22 -26.38 -3.46
N SER B 153 12.22 -25.91 -2.72
CA SER B 153 10.90 -26.52 -2.75
C SER B 153 9.86 -25.75 -3.56
N ALA B 154 10.09 -24.48 -3.88
CA ALA B 154 9.02 -23.71 -4.51
C ALA B 154 9.56 -22.50 -5.25
N ILE B 155 8.70 -21.94 -6.12
CA ILE B 155 8.89 -20.62 -6.72
C ILE B 155 7.85 -19.70 -6.12
N ILE B 156 8.29 -18.49 -5.75
CA ILE B 156 7.45 -17.53 -5.05
C ILE B 156 7.26 -16.33 -5.98
N LEU B 157 6.01 -15.98 -6.25
CA LEU B 157 5.66 -14.94 -7.21
C LEU B 157 4.80 -13.89 -6.52
N HIS B 158 5.27 -12.65 -6.51
CA HIS B 158 4.59 -11.55 -5.84
C HIS B 158 4.03 -10.60 -6.88
N LEU B 159 2.71 -10.48 -6.94
CA LEU B 159 2.06 -9.62 -7.91
C LEU B 159 1.76 -8.25 -7.32
N SER B 160 1.61 -7.26 -8.20
CA SER B 160 1.46 -5.88 -7.79
C SER B 160 0.11 -5.59 -7.14
N ASN B 161 -0.84 -6.52 -7.20
CA ASN B 161 -2.10 -6.36 -6.49
C ASN B 161 -2.04 -6.91 -5.07
N GLY B 162 -0.85 -7.30 -4.61
CA GLY B 162 -0.67 -7.81 -3.27
C GLY B 162 -0.66 -9.32 -3.18
N SER B 163 -1.11 -10.01 -4.22
CA SER B 163 -1.18 -11.47 -4.18
C SER B 163 0.21 -12.07 -4.12
N VAL B 164 0.34 -13.16 -3.39
CA VAL B 164 1.57 -13.94 -3.32
C VAL B 164 1.21 -15.37 -3.72
N GLN B 165 1.88 -15.87 -4.75
CA GLN B 165 1.67 -17.23 -5.24
C GLN B 165 2.92 -18.06 -4.98
N ILE B 166 2.71 -19.28 -4.49
CA ILE B 166 3.78 -20.21 -4.16
C ILE B 166 3.47 -21.53 -4.82
N ASN B 167 4.28 -21.91 -5.81
CA ASN B 167 4.15 -23.19 -6.49
C ASN B 167 5.24 -24.14 -5.98
N PHE B 168 4.83 -25.27 -5.40
CA PHE B 168 5.78 -26.26 -4.91
C PHE B 168 6.16 -27.22 -6.04
N PHE B 169 7.46 -27.49 -6.16
CA PHE B 169 7.96 -28.22 -7.33
C PHE B 169 7.60 -29.72 -7.27
N GLN B 170 7.81 -30.35 -6.11
CA GLN B 170 7.74 -31.81 -6.05
C GLN B 170 6.33 -32.33 -6.29
N ASP B 171 5.34 -31.76 -5.58
CA ASP B 171 4.00 -32.31 -5.59
C ASP B 171 3.02 -31.45 -6.37
N HIS B 172 3.50 -30.37 -7.00
CA HIS B 172 2.69 -29.54 -7.87
C HIS B 172 1.55 -28.84 -7.13
N THR B 173 1.60 -28.79 -5.80
CA THR B 173 0.62 -28.03 -5.04
C THR B 173 0.98 -26.55 -5.08
N LYS B 174 -0.03 -25.71 -4.90
CA LYS B 174 0.14 -24.28 -5.09
C LYS B 174 -0.74 -23.51 -4.11
N LEU B 175 -0.21 -22.39 -3.62
CA LEU B 175 -0.98 -21.46 -2.80
C LEU B 175 -1.10 -20.14 -3.55
N ILE B 176 -2.30 -19.54 -3.50
CA ILE B 176 -2.50 -18.17 -3.95
C ILE B 176 -3.08 -17.40 -2.77
N LEU B 177 -2.29 -16.48 -2.23
CA LEU B 177 -2.65 -15.71 -1.04
C LEU B 177 -3.00 -14.29 -1.46
N CYS B 178 -4.13 -13.80 -0.95
CA CYS B 178 -4.55 -12.42 -1.22
C CYS B 178 -4.73 -11.67 0.09
N PRO B 179 -4.02 -10.57 0.32
CA PRO B 179 -4.23 -9.81 1.55
C PRO B 179 -5.44 -8.90 1.50
N LEU B 180 -6.03 -8.70 0.31
CA LEU B 180 -7.23 -7.89 0.20
C LEU B 180 -8.46 -8.70 0.64
N MET B 181 -8.58 -9.92 0.13
CA MET B 181 -9.59 -10.85 0.63
C MET B 181 -9.20 -11.48 1.95
N ALA B 182 -7.94 -11.38 2.37
CA ALA B 182 -7.43 -12.13 3.51
C ALA B 182 -7.79 -13.61 3.34
N ALA B 183 -7.42 -14.16 2.19
CA ALA B 183 -7.85 -15.48 1.77
C ALA B 183 -6.68 -16.24 1.18
N VAL B 184 -6.83 -17.56 1.14
CA VAL B 184 -5.86 -18.44 0.50
C VAL B 184 -6.59 -19.45 -0.37
N THR B 185 -6.09 -19.64 -1.58
CA THR B 185 -6.54 -20.69 -2.48
C THR B 185 -5.46 -21.77 -2.50
N TYR B 186 -5.87 -23.01 -2.24
CA TYR B 186 -4.95 -24.14 -2.22
C TYR B 186 -5.30 -25.10 -3.34
N ILE B 187 -4.34 -25.37 -4.22
CA ILE B 187 -4.47 -26.34 -5.29
C ILE B 187 -3.67 -27.56 -4.87
N ASP B 188 -4.35 -28.71 -4.72
CA ASP B 188 -3.68 -29.91 -4.25
C ASP B 188 -3.12 -30.71 -5.42
N GLU B 189 -2.49 -31.84 -5.11
CA GLU B 189 -1.79 -32.60 -6.12
C GLU B 189 -2.74 -33.15 -7.19
N LYS B 190 -3.98 -33.41 -6.82
CA LYS B 190 -4.99 -33.85 -7.79
C LYS B 190 -5.55 -32.69 -8.59
N ARG B 191 -5.10 -31.47 -8.34
CA ARG B 191 -5.55 -30.24 -8.99
C ARG B 191 -6.95 -29.83 -8.54
N ASP B 192 -7.50 -30.47 -7.51
CA ASP B 192 -8.65 -29.90 -6.84
C ASP B 192 -8.22 -28.63 -6.11
N PHE B 193 -9.18 -27.74 -5.89
CA PHE B 193 -8.86 -26.44 -5.32
C PHE B 193 -9.94 -26.01 -4.35
N ARG B 194 -9.52 -25.25 -3.35
CA ARG B 194 -10.39 -24.66 -2.35
C ARG B 194 -9.89 -23.27 -2.03
N THR B 195 -10.82 -22.35 -1.79
CA THR B 195 -10.49 -21.01 -1.32
C THR B 195 -11.05 -20.86 0.10
N TYR B 196 -10.22 -20.34 1.00
CA TYR B 196 -10.56 -20.19 2.40
C TYR B 196 -10.32 -18.76 2.82
N ARG B 197 -11.16 -18.23 3.70
CA ARG B 197 -10.78 -17.04 4.45
C ARG B 197 -9.90 -17.43 5.62
N LEU B 198 -8.77 -16.73 5.76
CA LEU B 198 -7.80 -17.09 6.78
C LEU B 198 -8.41 -17.02 8.18
N SER B 199 -9.30 -16.03 8.41
CA SER B 199 -9.92 -15.92 9.72
C SER B 199 -10.80 -17.12 10.03
N LEU B 200 -11.46 -17.69 9.00
CA LEU B 200 -12.28 -18.87 9.24
C LEU B 200 -11.42 -20.11 9.44
N LEU B 201 -10.25 -20.17 8.80
CA LEU B 201 -9.31 -21.24 9.12
C LEU B 201 -8.86 -21.15 10.58
N GLU B 202 -8.66 -19.93 11.07
CA GLU B 202 -8.34 -19.75 12.48
C GLU B 202 -9.47 -20.26 13.36
N GLU B 203 -10.72 -19.99 12.97
CA GLU B 203 -11.86 -20.42 13.78
C GLU B 203 -12.05 -21.93 13.71
N TYR B 204 -12.03 -22.50 12.49
CA TYR B 204 -12.44 -23.88 12.29
C TYR B 204 -11.28 -24.85 12.14
N GLY B 205 -10.07 -24.37 11.88
CA GLY B 205 -8.93 -25.25 11.73
C GLY B 205 -8.80 -25.79 10.31
N CYS B 206 -7.77 -26.61 10.12
CA CYS B 206 -7.53 -27.23 8.83
C CYS B 206 -6.58 -28.40 9.03
N CYS B 207 -6.37 -29.16 7.97
CA CYS B 207 -5.54 -30.36 8.05
C CYS B 207 -4.06 -30.00 8.17
N LYS B 208 -3.27 -31.01 8.56
CA LYS B 208 -1.84 -30.78 8.77
C LYS B 208 -1.13 -30.34 7.49
N GLU B 209 -1.60 -30.80 6.33
CA GLU B 209 -0.93 -30.45 5.07
C GLU B 209 -1.03 -28.94 4.80
N LEU B 210 -2.23 -28.39 4.90
CA LEU B 210 -2.40 -26.96 4.63
C LEU B 210 -1.75 -26.11 5.72
N ALA B 211 -1.83 -26.54 6.98
CA ALA B 211 -1.19 -25.80 8.05
C ALA B 211 0.31 -25.70 7.81
N SER B 212 0.92 -26.79 7.33
CA SER B 212 2.35 -26.79 7.04
C SER B 212 2.69 -25.78 5.95
N ARG B 213 1.92 -25.78 4.86
CA ARG B 213 2.21 -24.87 3.77
C ARG B 213 1.95 -23.42 4.16
N LEU B 214 1.03 -23.18 5.11
CA LEU B 214 0.83 -21.81 5.58
C LEU B 214 1.97 -21.35 6.48
N ARG B 215 2.56 -22.27 7.25
CA ARG B 215 3.79 -21.92 7.98
C ARG B 215 4.90 -21.56 7.01
N TYR B 216 5.07 -22.37 5.96
CA TYR B 216 6.08 -22.05 4.94
C TYR B 216 5.77 -20.72 4.28
N ALA B 217 4.49 -20.48 3.96
CA ALA B 217 4.11 -19.22 3.31
C ALA B 217 4.51 -18.03 4.16
N ARG B 218 4.34 -18.13 5.48
CA ARG B 218 4.77 -17.06 6.36
C ARG B 218 6.26 -16.81 6.23
N THR B 219 7.06 -17.90 6.22
CA THR B 219 8.50 -17.75 6.02
C THR B 219 8.80 -17.04 4.71
N MET B 220 8.01 -17.31 3.67
CA MET B 220 8.28 -16.70 2.38
C MET B 220 7.91 -15.22 2.36
N VAL B 221 6.81 -14.85 3.02
CA VAL B 221 6.43 -13.44 3.07
C VAL B 221 7.46 -12.64 3.84
N ASP B 222 8.06 -13.24 4.88
CA ASP B 222 9.18 -12.60 5.55
C ASP B 222 10.35 -12.35 4.59
N LYS B 223 10.66 -13.34 3.73
CA LYS B 223 11.75 -13.13 2.79
C LYS B 223 11.41 -11.98 1.83
N LEU B 224 10.19 -11.96 1.31
CA LEU B 224 9.78 -10.87 0.42
C LEU B 224 9.92 -9.51 1.10
N LEU B 225 9.53 -9.43 2.37
CA LEU B 225 9.61 -8.16 3.09
C LEU B 225 11.04 -7.68 3.26
N SER B 226 11.94 -8.58 3.63
CA SER B 226 13.35 -8.23 3.76
C SER B 226 14.06 -8.19 2.42
N SER B 227 13.31 -8.32 1.32
CA SER B 227 13.87 -8.29 -0.02
C SER B 227 15.06 -9.22 -0.16
N PRO C 2 -8.20 24.08 26.19
CA PRO C 2 -8.18 23.38 24.89
C PRO C 2 -7.92 24.31 23.70
N LEU C 3 -7.15 23.85 22.72
CA LEU C 3 -6.83 24.57 21.49
C LEU C 3 -7.49 23.93 20.28
N ALA C 4 -7.77 24.76 19.27
CA ALA C 4 -8.44 24.32 18.06
C ALA C 4 -7.68 24.73 16.82
N SER C 5 -7.91 23.99 15.75
CA SER C 5 -7.43 24.36 14.44
C SER C 5 -8.30 25.55 14.01
N PRO D 2 13.81 -26.62 -12.05
CA PRO D 2 13.26 -26.50 -13.41
C PRO D 2 13.21 -25.06 -13.89
N LEU D 3 13.39 -24.84 -15.19
CA LEU D 3 13.32 -23.49 -15.74
C LEU D 3 11.96 -23.22 -16.36
N ALA D 4 11.09 -24.21 -16.39
CA ALA D 4 9.74 -24.06 -16.92
C ALA D 4 8.76 -24.53 -15.87
N SER D 5 7.56 -23.97 -15.92
CA SER D 5 6.48 -24.45 -15.07
C SER D 5 6.05 -25.78 -15.68
#